data_1AX6
#
_entry.id   1AX6
#
_cell.length_a   1.000
_cell.length_b   1.000
_cell.length_c   1.000
_cell.angle_alpha   90.00
_cell.angle_beta   90.00
_cell.angle_gamma   90.00
#
_symmetry.space_group_name_H-M   'P 1'
#
loop_
_entity.id
_entity.type
_entity.pdbx_description
1 polymer 'DNA DUPLEX D(CTCGGC-[AF]G-CCATC)D(GATGGCCGAG)'
2 polymer 'DNA DUPLEX D(CTCGGC-[AF]G-CCATC)D(GATGGCCGAG)'
3 non-polymer 2-AMINOFLUORENE
#
loop_
_entity_poly.entity_id
_entity_poly.type
_entity_poly.pdbx_seq_one_letter_code
_entity_poly.pdbx_strand_id
1 'polydeoxyribonucleotide' (DC)(DT)(DC)(DG)(DG)(DC)(DG)(DC)(DC)(DA)(DT)(DC) A
2 'polydeoxyribonucleotide' (DG)(DA)(DT)(DG)(DG)(DC)(DC)(DG)(DA)(DG) B
#